data_4YIT
#
_entry.id   4YIT
#
_cell.length_a   41.960
_cell.length_b   61.536
_cell.length_c   88.621
_cell.angle_alpha   97.180
_cell.angle_beta   99.100
_cell.angle_gamma   101.890
#
_symmetry.space_group_name_H-M   'P 1'
#
loop_
_entity.id
_entity.type
_entity.pdbx_description
1 polymer 'Meganuclease I-AabMI'
2 polymer 'DNA (25-MER)'
3 polymer 'DNA (25-MER)'
4 polymer 'DNA (25MER)'
5 polymer 'DNA (25-MER)'
6 non-polymer 'CALCIUM ION'
7 water water
#
loop_
_entity_poly.entity_id
_entity_poly.type
_entity_poly.pdbx_seq_one_letter_code
_entity_poly.pdbx_strand_id
1 'polypeptide(L)'
;INPWFLTGFIDGEGCFRISVTKINRAIDWRVQLFFQINLHEKDRALLESIKDYLKVGKIHISGKNLVQYRIQTFDELTIL
IKHLKEYPLVSKKRADFELFNTAHKLIKNNEHLNKEGINKLVSLKASLNLGLSESLKLAFPNVISATRLTDFTVNIPDPH
WLSGFASAEGCFMVGIAKSSASSTGYQVYLTFILTQHVRDENLMKCLVDYFNWGRLARKRNVYEYQVSKFSDVEKLLSFF
DKYPILGEKAKDLQDFCSVSDLMKSKTHLTEEGVAKIRKIKEGMNRG
;
A,D
2 'polydeoxyribonucleotide'
;(DA)(DG)(DG)(DT)(DA)(DC)(DC)(DC)(DT)(DT)(DT)(DA)(DA)(DA)(DC)(DC)(DT)(DA)(DC)(DT)
(DA)(DA)(DC)(DC)(DC)
;
B
3 'polydeoxyribonucleotide'
;(DG)(DG)(DT)(DT)(DA)(DG)(DT)(DA)(DG)(DG)(DT)(DT)(DT)(DA)(DA)(DA)(DG)(DG)(DG)(DT)
(DA)(DC)(DC)(DT)(DG)
;
C
4 'polydeoxyribonucleotide'
;(DA)(DG)(DG)(DT)(DA)(DC)(DC)(DC)(DT)(DT)(DT)(DA)(DA)(DA)(DC)(DC)(DT)(DA)(DC)(DT)
(DA)(DA)(DC)(DC)
;
E
5 'polydeoxyribonucleotide'
;(DG)(DT)(DT)(DA)(DG)(DT)(DA)(DG)(DG)(DT)(DT)(DT)(DA)(DA)(DA)(DG)(DG)(DG)(DT)(DA)
(DC)(DC)(DT)(DG)
;
F
#
loop_
_chem_comp.id
_chem_comp.type
_chem_comp.name
_chem_comp.formula
CA non-polymer 'CALCIUM ION' 'Ca 2'
DA DNA linking 2'-DEOXYADENOSINE-5'-MONOPHOSPHATE 'C10 H14 N5 O6 P'
DC DNA linking 2'-DEOXYCYTIDINE-5'-MONOPHOSPHATE 'C9 H14 N3 O7 P'
DG DNA linking 2'-DEOXYGUANOSINE-5'-MONOPHOSPHATE 'C10 H14 N5 O7 P'
DT DNA linking THYMIDINE-5'-MONOPHOSPHATE 'C10 H15 N2 O8 P'
#
# COMPACT_ATOMS: atom_id res chain seq x y z
N ILE A 1 -13.90 17.47 -7.32
CA ILE A 1 -13.46 17.46 -5.88
C ILE A 1 -13.87 16.15 -5.15
N ASN A 2 -12.86 15.36 -4.81
CA ASN A 2 -13.07 14.03 -4.23
C ASN A 2 -13.40 14.14 -2.75
N PRO A 3 -14.19 13.19 -2.20
CA PRO A 3 -14.68 13.40 -0.86
C PRO A 3 -13.66 13.04 0.23
N TRP A 4 -12.54 12.44 -0.17
CA TRP A 4 -11.50 12.11 0.80
C TRP A 4 -10.53 13.25 0.93
N PHE A 5 -10.22 13.88 -0.19
CA PHE A 5 -9.35 15.05 -0.18
C PHE A 5 -9.81 15.99 0.93
N LEU A 6 -11.13 16.14 1.07
CA LEU A 6 -11.70 17.02 2.09
C LEU A 6 -11.29 16.58 3.49
N THR A 7 -11.47 15.30 3.81
CA THR A 7 -11.11 14.85 5.14
C THR A 7 -9.61 15.02 5.30
N GLY A 8 -8.86 14.36 4.43
CA GLY A 8 -7.40 14.53 4.34
C GLY A 8 -6.99 15.96 4.63
N PHE A 9 -7.69 16.91 4.00
CA PHE A 9 -7.44 18.33 4.27
C PHE A 9 -7.81 18.72 5.71
N ILE A 10 -9.09 18.55 6.06
CA ILE A 10 -9.59 18.90 7.39
C ILE A 10 -8.81 18.23 8.55
N ASP A 11 -8.18 17.09 8.27
CA ASP A 11 -7.38 16.34 9.25
C ASP A 11 -6.12 17.13 9.50
N GLY A 12 -5.68 17.84 8.47
CA GLY A 12 -4.43 18.58 8.52
C GLY A 12 -4.55 20.02 8.99
N GLU A 13 -5.66 20.66 8.61
CA GLU A 13 -5.82 22.09 8.85
C GLU A 13 -7.13 22.56 9.44
N GLY A 14 -8.12 21.67 9.53
CA GLY A 14 -9.39 22.02 10.15
C GLY A 14 -9.22 22.39 11.61
N CYS A 15 -10.22 23.02 12.19
CA CYS A 15 -10.13 23.39 13.60
C CYS A 15 -11.48 23.40 14.30
N PHE A 16 -11.78 22.31 15.00
CA PHE A 16 -13.05 22.17 15.71
C PHE A 16 -12.93 22.78 17.09
N ARG A 17 -13.75 23.79 17.35
CA ARG A 17 -13.63 24.56 18.55
C ARG A 17 -14.94 24.64 19.35
N ILE A 18 -14.78 24.80 20.66
CA ILE A 18 -15.85 25.12 21.59
C ILE A 18 -15.46 26.37 22.32
N SER A 19 -16.25 27.42 22.19
CA SER A 19 -16.03 28.69 22.87
C SER A 19 -17.06 28.84 23.99
N VAL A 20 -16.67 29.57 25.04
CA VAL A 20 -17.58 29.99 26.10
C VAL A 20 -17.37 31.46 26.41
N THR A 21 -18.47 32.16 26.71
CA THR A 21 -18.44 33.60 26.87
C THR A 21 -19.51 34.11 27.86
N LYS A 22 -19.14 35.15 28.63
CA LYS A 22 -20.03 35.85 29.58
C LYS A 22 -21.00 34.94 30.34
N TRP A 29 -23.28 32.19 30.82
CA TRP A 29 -22.49 31.36 29.90
C TRP A 29 -23.18 31.01 28.58
N ARG A 30 -22.65 31.58 27.50
CA ARG A 30 -23.08 31.24 26.15
C ARG A 30 -22.11 30.23 25.56
N VAL A 31 -22.65 29.13 25.03
CA VAL A 31 -21.81 28.10 24.40
C VAL A 31 -22.14 27.99 22.93
N GLN A 32 -21.11 28.07 22.08
CA GLN A 32 -21.27 27.80 20.65
C GLN A 32 -20.10 27.06 20.06
N LEU A 33 -20.40 26.14 19.14
CA LEU A 33 -19.42 25.30 18.47
C LEU A 33 -19.02 25.96 17.16
N PHE A 34 -17.73 25.96 16.83
CA PHE A 34 -17.27 26.37 15.49
C PHE A 34 -16.31 25.35 14.93
N PHE A 35 -16.32 25.27 13.61
CA PHE A 35 -15.26 24.61 12.91
C PHE A 35 -14.93 25.50 11.76
N GLN A 36 -13.64 25.71 11.60
CA GLN A 36 -13.11 26.62 10.60
C GLN A 36 -11.79 26.10 10.08
N ILE A 37 -11.54 26.43 8.83
CA ILE A 37 -10.22 26.33 8.26
C ILE A 37 -9.75 27.77 8.04
N ASN A 38 -8.53 28.01 8.47
CA ASN A 38 -7.90 29.32 8.38
C ASN A 38 -6.64 29.09 7.56
N LEU A 39 -6.44 29.90 6.52
CA LEU A 39 -5.20 29.80 5.74
C LEU A 39 -4.83 31.10 5.02
N HIS A 40 -3.70 31.08 4.32
CA HIS A 40 -3.20 32.23 3.57
C HIS A 40 -4.20 32.67 2.52
N GLU A 41 -4.34 33.98 2.38
CA GLU A 41 -5.32 34.57 1.46
C GLU A 41 -5.17 34.00 0.06
N LYS A 42 -3.92 33.77 -0.34
CA LYS A 42 -3.59 33.28 -1.67
C LYS A 42 -4.34 32.03 -2.05
N ASP A 43 -4.85 31.32 -1.04
CA ASP A 43 -5.56 30.08 -1.25
C ASP A 43 -7.03 30.12 -0.90
N ARG A 44 -7.58 31.33 -0.84
CA ARG A 44 -9.02 31.52 -0.71
C ARG A 44 -9.80 30.63 -1.68
N ALA A 45 -9.32 30.49 -2.90
CA ALA A 45 -10.01 29.70 -3.89
C ALA A 45 -10.21 28.25 -3.45
N LEU A 46 -9.25 27.70 -2.71
CA LEU A 46 -9.40 26.33 -2.23
C LEU A 46 -10.56 26.27 -1.24
N LEU A 47 -10.66 27.28 -0.39
CA LEU A 47 -11.78 27.39 0.53
C LEU A 47 -13.08 27.42 -0.28
N GLU A 48 -13.15 28.36 -1.20
CA GLU A 48 -14.25 28.44 -2.12
C GLU A 48 -14.58 27.08 -2.75
N SER A 49 -13.58 26.32 -3.15
CA SER A 49 -13.85 25.00 -3.73
C SER A 49 -14.60 24.14 -2.71
N ILE A 50 -14.12 24.20 -1.47
CA ILE A 50 -14.64 23.39 -0.38
C ILE A 50 -16.01 23.89 0.01
N LYS A 51 -16.12 25.21 0.10
CA LYS A 51 -17.38 25.82 0.44
C LYS A 51 -18.43 25.26 -0.49
N ASP A 52 -18.25 25.47 -1.78
CA ASP A 52 -19.24 25.05 -2.75
C ASP A 52 -19.54 23.54 -2.60
N TYR A 53 -18.52 22.75 -2.25
CA TYR A 53 -18.70 21.29 -2.06
C TYR A 53 -19.68 20.87 -0.97
N LEU A 54 -19.54 21.47 0.20
CA LEU A 54 -20.51 21.29 1.29
C LEU A 54 -21.72 22.22 1.09
N LYS A 55 -21.52 23.30 0.35
CA LYS A 55 -22.59 24.26 0.10
C LYS A 55 -23.02 25.02 1.34
N VAL A 56 -22.26 24.92 2.41
CA VAL A 56 -22.54 25.66 3.65
C VAL A 56 -21.28 26.32 4.23
N GLY A 57 -21.49 27.27 5.13
CA GLY A 57 -20.37 27.99 5.74
C GLY A 57 -20.06 29.25 4.99
N LYS A 58 -19.01 29.94 5.41
CA LYS A 58 -18.67 31.27 4.89
C LYS A 58 -17.17 31.60 5.01
N ILE A 59 -16.69 32.45 4.11
CA ILE A 59 -15.28 32.90 4.09
C ILE A 59 -15.16 34.41 4.42
N HIS A 60 -14.08 34.79 5.10
CA HIS A 60 -13.85 36.19 5.47
C HIS A 60 -12.39 36.38 5.85
N ILE A 61 -12.01 37.63 6.11
CA ILE A 61 -10.60 38.00 6.19
C ILE A 61 -10.11 37.96 7.63
N SER A 62 -9.84 36.76 8.09
CA SER A 62 -9.24 36.59 9.39
C SER A 62 -7.92 35.90 9.17
N GLY A 63 -6.83 36.61 9.43
CA GLY A 63 -6.84 38.04 9.78
C GLY A 63 -6.24 38.83 8.64
N LYS A 64 -4.91 38.88 8.62
CA LYS A 64 -4.16 39.67 7.64
C LYS A 64 -3.47 38.79 6.60
N ASN A 65 -3.63 39.14 5.32
CA ASN A 65 -3.11 38.31 4.24
C ASN A 65 -3.64 36.89 4.35
N LEU A 66 -4.80 36.75 4.99
CA LEU A 66 -5.38 35.45 5.27
C LEU A 66 -6.87 35.48 4.99
N VAL A 67 -7.45 34.30 5.07
CA VAL A 67 -8.86 34.13 4.93
C VAL A 67 -9.25 32.99 5.84
N GLN A 68 -10.34 33.17 6.56
CA GLN A 68 -10.88 32.11 7.35
C GLN A 68 -12.15 31.65 6.69
N TYR A 69 -12.47 30.40 6.92
CA TYR A 69 -13.71 29.83 6.48
C TYR A 69 -14.33 29.26 7.73
N ARG A 70 -15.65 29.29 7.88
CA ARG A 70 -16.27 28.90 9.13
C ARG A 70 -17.68 28.40 8.99
N ILE A 71 -17.98 27.35 9.75
CA ILE A 71 -19.36 26.85 9.93
C ILE A 71 -19.79 27.15 11.38
N GLN A 72 -20.70 28.10 11.54
CA GLN A 72 -21.12 28.56 12.87
C GLN A 72 -22.62 28.57 13.14
N THR A 73 -23.41 28.27 12.11
CA THR A 73 -24.81 27.91 12.29
C THR A 73 -24.84 26.48 12.82
N PHE A 74 -25.72 26.20 13.78
CA PHE A 74 -25.95 24.82 14.20
C PHE A 74 -26.32 23.95 12.99
N ASP A 75 -27.45 24.28 12.35
CA ASP A 75 -28.01 23.44 11.26
C ASP A 75 -27.12 23.25 10.01
N GLU A 76 -26.07 24.05 9.88
CA GLU A 76 -25.11 23.85 8.79
C GLU A 76 -24.02 22.92 9.25
N LEU A 77 -23.77 22.88 10.56
CA LEU A 77 -22.77 21.97 11.11
C LEU A 77 -23.16 20.51 10.89
N THR A 78 -24.45 20.24 10.77
CA THR A 78 -24.90 18.86 10.55
C THR A 78 -24.38 18.26 9.25
N ILE A 79 -24.45 19.01 8.14
CA ILE A 79 -23.83 18.62 6.85
C ILE A 79 -22.38 18.21 7.06
N LEU A 80 -21.63 19.03 7.81
CA LEU A 80 -20.24 18.71 8.15
C LEU A 80 -20.18 17.41 8.93
N ILE A 81 -20.93 17.34 10.02
CA ILE A 81 -20.85 16.17 10.89
C ILE A 81 -21.22 14.91 10.11
N LYS A 82 -22.25 15.05 9.28
CA LYS A 82 -22.71 13.97 8.42
C LYS A 82 -21.59 13.53 7.45
N HIS A 83 -20.86 14.50 6.89
CA HIS A 83 -19.74 14.16 6.02
C HIS A 83 -18.68 13.31 6.75
N LEU A 84 -18.37 13.72 7.96
CA LEU A 84 -17.21 13.22 8.67
C LEU A 84 -17.39 11.86 9.37
N LYS A 85 -18.63 11.38 9.47
CA LYS A 85 -18.85 10.09 10.09
C LYS A 85 -18.59 9.00 9.07
N GLU A 86 -19.05 9.22 7.83
CA GLU A 86 -18.87 8.22 6.76
C GLU A 86 -17.44 8.20 6.21
N TYR A 87 -16.82 9.38 6.16
CA TYR A 87 -15.41 9.49 5.84
C TYR A 87 -14.69 9.95 7.08
N PRO A 88 -14.51 9.04 8.04
CA PRO A 88 -13.89 9.47 9.28
C PRO A 88 -12.48 10.02 9.09
N LEU A 89 -11.95 10.61 10.16
CA LEU A 89 -10.63 11.26 10.21
C LEU A 89 -9.58 10.40 10.96
N VAL A 90 -8.31 10.54 10.57
CA VAL A 90 -7.19 9.70 11.07
C VAL A 90 -6.30 10.40 12.10
N SER A 91 -6.18 11.71 12.04
CA SER A 91 -5.39 12.44 13.04
C SER A 91 -6.00 12.33 14.43
N LYS A 92 -5.19 12.64 15.45
CA LYS A 92 -5.69 12.85 16.80
C LYS A 92 -6.84 13.85 16.79
N LYS A 93 -6.85 14.71 15.76
CA LYS A 93 -8.01 15.53 15.46
C LYS A 93 -9.33 14.76 15.60
N ARG A 94 -9.33 13.49 15.18
CA ARG A 94 -10.47 12.62 15.42
C ARG A 94 -11.03 12.87 16.84
N ALA A 95 -10.19 12.72 17.85
CA ALA A 95 -10.63 12.90 19.22
C ALA A 95 -11.36 14.23 19.39
N ASP A 96 -10.90 15.24 18.68
CA ASP A 96 -11.52 16.55 18.74
C ASP A 96 -12.89 16.56 18.07
N PHE A 97 -13.06 15.79 17.00
CA PHE A 97 -14.36 15.67 16.35
C PHE A 97 -15.33 14.98 17.31
N GLU A 98 -15.00 13.74 17.70
CA GLU A 98 -15.87 12.97 18.58
C GLU A 98 -16.34 13.91 19.67
N LEU A 99 -15.42 14.71 20.17
CA LEU A 99 -15.69 15.60 21.29
C LEU A 99 -16.61 16.74 20.88
N PHE A 100 -16.24 17.41 19.80
CA PHE A 100 -17.04 18.45 19.15
C PHE A 100 -18.47 17.95 18.84
N ASN A 101 -18.54 16.69 18.42
CA ASN A 101 -19.79 16.07 18.01
C ASN A 101 -20.72 15.80 19.17
N THR A 102 -20.17 15.18 20.23
CA THR A 102 -20.93 14.94 21.46
C THR A 102 -21.66 16.21 21.91
N ALA A 103 -20.89 17.30 21.97
CA ALA A 103 -21.36 18.66 22.29
C ALA A 103 -22.55 19.14 21.43
N HIS A 104 -22.40 18.95 20.12
CA HIS A 104 -23.47 19.21 19.16
C HIS A 104 -24.69 18.37 19.46
N LYS A 105 -24.50 17.15 19.97
CA LYS A 105 -25.63 16.35 20.50
C LYS A 105 -26.38 17.12 21.56
N LEU A 106 -25.65 17.49 22.60
CA LEU A 106 -26.18 18.26 23.73
C LEU A 106 -26.95 19.47 23.25
N ILE A 107 -26.42 20.14 22.25
CA ILE A 107 -27.14 21.27 21.71
C ILE A 107 -28.40 20.80 20.97
N LYS A 108 -28.26 19.79 20.11
CA LYS A 108 -29.41 19.24 19.37
C LYS A 108 -30.65 19.07 20.29
N ASN A 109 -30.42 18.70 21.54
CA ASN A 109 -31.49 18.52 22.53
C ASN A 109 -31.83 19.77 23.33
N ASN A 110 -31.02 20.82 23.20
CA ASN A 110 -31.18 22.04 23.98
C ASN A 110 -30.85 21.82 25.46
N GLU A 111 -30.06 20.78 25.75
CA GLU A 111 -29.70 20.42 27.14
C GLU A 111 -28.75 21.45 27.74
N HIS A 112 -28.08 22.20 26.87
CA HIS A 112 -27.11 23.23 27.28
C HIS A 112 -27.72 24.55 27.74
N LEU A 113 -29.04 24.61 27.88
CA LEU A 113 -29.65 25.77 28.47
C LEU A 113 -29.77 25.57 29.97
N ASN A 114 -29.41 24.38 30.44
CA ASN A 114 -29.34 24.06 31.86
C ASN A 114 -27.94 24.35 32.43
N LYS A 115 -27.85 24.88 33.64
CA LYS A 115 -26.55 25.06 34.33
C LYS A 115 -25.78 23.74 34.44
N GLU A 116 -26.48 22.62 34.16
CA GLU A 116 -25.88 21.29 34.15
C GLU A 116 -25.26 20.91 32.79
N GLY A 117 -26.07 21.02 31.72
CA GLY A 117 -25.58 20.82 30.36
C GLY A 117 -24.32 21.63 30.16
N ILE A 118 -24.36 22.86 30.63
CA ILE A 118 -23.24 23.79 30.57
C ILE A 118 -21.93 23.19 31.13
N ASN A 119 -22.03 22.25 32.06
CA ASN A 119 -20.84 21.58 32.64
C ASN A 119 -20.38 20.41 31.80
N LYS A 120 -21.35 19.67 31.26
CA LYS A 120 -21.09 18.57 30.35
C LYS A 120 -20.27 19.04 29.14
N LEU A 121 -20.44 20.30 28.76
CA LEU A 121 -19.76 20.93 27.61
C LEU A 121 -18.35 21.47 27.89
N VAL A 122 -18.13 21.97 29.10
CA VAL A 122 -16.81 22.50 29.46
C VAL A 122 -15.81 21.35 29.63
N SER A 123 -16.29 20.27 30.24
CA SER A 123 -15.53 19.03 30.38
C SER A 123 -15.02 18.50 29.05
N LEU A 124 -15.82 18.72 28.00
CA LEU A 124 -15.41 18.49 26.63
C LEU A 124 -14.41 19.57 26.23
N LYS A 125 -14.81 20.83 26.34
CA LYS A 125 -13.96 21.94 25.91
C LYS A 125 -12.57 21.83 26.51
N ALA A 126 -12.53 21.42 27.77
CA ALA A 126 -11.28 21.25 28.54
C ALA A 126 -10.33 20.24 27.89
N SER A 127 -10.88 19.25 27.20
CA SER A 127 -10.08 18.28 26.47
C SER A 127 -10.05 18.54 24.95
N LEU A 128 -10.13 19.80 24.56
CA LEU A 128 -10.13 20.13 23.14
C LEU A 128 -8.71 20.52 22.74
N ASN A 129 -8.59 21.24 21.63
CA ASN A 129 -7.30 21.71 21.15
C ASN A 129 -6.33 22.08 22.27
N LEU A 130 -6.67 23.10 23.06
CA LEU A 130 -5.74 23.58 24.10
C LEU A 130 -6.17 23.24 25.54
N GLY A 131 -7.30 23.80 25.96
CA GLY A 131 -7.90 23.58 27.28
C GLY A 131 -8.52 24.82 27.89
N LEU A 132 -8.99 24.68 29.12
CA LEU A 132 -9.65 25.78 29.83
C LEU A 132 -8.64 26.82 30.23
N SER A 133 -8.92 28.08 29.91
CA SER A 133 -8.01 29.19 30.18
C SER A 133 -8.47 29.99 31.38
N SER A 135 -8.78 31.81 33.63
CA SER A 135 -9.89 32.70 33.31
C SER A 135 -11.23 31.99 33.15
N LEU A 136 -11.20 30.70 32.81
CA LEU A 136 -12.38 29.84 32.85
C LEU A 136 -11.96 28.52 33.49
N LYS A 137 -11.02 28.64 34.41
CA LYS A 137 -10.43 27.52 35.15
C LYS A 137 -10.96 27.60 36.58
N LEU A 138 -11.14 28.85 37.01
CA LEU A 138 -11.68 29.24 38.29
C LEU A 138 -13.18 29.41 38.22
N ALA A 139 -13.72 29.68 37.02
CA ALA A 139 -15.17 29.69 36.83
C ALA A 139 -15.73 28.26 36.98
N PHE A 140 -15.12 27.32 36.28
CA PHE A 140 -15.52 25.92 36.35
C PHE A 140 -14.43 25.04 36.97
N PRO A 141 -13.90 25.42 38.16
CA PRO A 141 -12.88 24.58 38.81
C PRO A 141 -13.39 23.22 39.30
N ASN A 142 -14.46 22.71 38.69
CA ASN A 142 -15.00 21.40 38.99
C ASN A 142 -14.58 20.40 37.93
N VAL A 143 -13.52 20.73 37.17
CA VAL A 143 -12.85 19.79 36.26
C VAL A 143 -13.86 19.02 35.40
N ILE A 144 -13.55 17.77 35.08
CA ILE A 144 -14.39 16.99 34.18
C ILE A 144 -14.26 15.49 34.44
N ALA A 146 -13.78 15.69 29.14
CA ALA A 146 -12.62 14.89 29.51
C ALA A 146 -12.68 13.50 28.86
N THR A 147 -11.60 12.73 28.98
CA THR A 147 -11.56 11.35 28.46
C THR A 147 -11.74 11.34 26.94
N ARG A 148 -10.68 11.72 26.24
CA ARG A 148 -10.67 11.79 24.78
C ARG A 148 -10.60 10.39 24.19
N LEU A 149 -11.31 10.17 23.09
CA LEU A 149 -11.34 8.88 22.40
C LEU A 149 -9.94 8.35 22.21
N ASN A 155 -3.70 4.16 9.95
CA ASN A 155 -4.71 3.44 9.20
C ASN A 155 -5.33 4.28 8.06
N ILE A 156 -4.49 4.72 7.11
CA ILE A 156 -4.88 5.58 5.96
C ILE A 156 -6.06 5.01 5.22
N PRO A 157 -6.86 5.81 4.50
CA PRO A 157 -8.16 5.27 4.18
C PRO A 157 -8.48 5.09 2.71
N ASP A 158 -8.22 6.12 1.91
CA ASP A 158 -8.22 6.02 0.48
C ASP A 158 -6.84 6.62 0.23
N PRO A 159 -6.47 6.87 -1.02
CA PRO A 159 -5.24 7.61 -1.13
C PRO A 159 -5.59 9.04 -1.49
N HIS A 160 -6.87 9.36 -1.49
CA HIS A 160 -7.29 10.70 -1.73
C HIS A 160 -7.11 11.46 -0.43
N TRP A 161 -7.11 10.72 0.67
CA TRP A 161 -6.80 11.30 1.94
C TRP A 161 -5.45 11.96 1.86
N LEU A 162 -4.45 11.23 1.40
CA LEU A 162 -3.06 11.69 1.45
C LEU A 162 -2.84 12.86 0.51
N SER A 163 -3.48 12.83 -0.64
CA SER A 163 -3.40 13.98 -1.51
C SER A 163 -3.88 15.21 -0.72
N GLY A 164 -4.98 15.06 0.01
CA GLY A 164 -5.53 16.14 0.85
C GLY A 164 -4.62 16.51 2.00
N PHE A 165 -4.11 15.51 2.67
CA PHE A 165 -3.22 15.72 3.78
C PHE A 165 -1.92 16.39 3.37
N ALA A 166 -1.38 16.03 2.20
CA ALA A 166 -0.09 16.56 1.75
C ALA A 166 -0.25 17.95 1.20
N SER A 167 -1.32 18.15 0.44
CA SER A 167 -1.58 19.43 -0.17
C SER A 167 -1.76 20.57 0.86
N ALA A 168 -1.79 20.20 2.13
CA ALA A 168 -1.89 21.16 3.24
C ALA A 168 -0.72 21.11 4.20
N GLU A 169 -0.23 19.90 4.47
CA GLU A 169 0.80 19.68 5.47
C GLU A 169 2.04 19.07 4.83
N GLY A 170 2.23 19.34 3.53
CA GLY A 170 3.38 18.85 2.80
C GLY A 170 4.30 19.97 2.39
N CYS A 171 5.43 19.63 1.77
CA CYS A 171 6.40 20.62 1.29
C CYS A 171 7.25 19.94 0.24
N PHE A 172 7.24 20.53 -0.95
CA PHE A 172 8.01 20.03 -2.09
C PHE A 172 9.19 20.96 -2.35
N MET A 173 10.40 20.60 -1.87
CA MET A 173 11.56 21.50 -2.01
C MET A 173 12.79 20.85 -2.67
N VAL A 174 13.74 21.70 -3.11
CA VAL A 174 14.93 21.23 -3.83
C VAL A 174 16.24 21.62 -3.16
N GLY A 175 17.20 20.73 -3.21
CA GLY A 175 18.36 20.83 -2.37
C GLY A 175 19.66 21.08 -3.10
N ILE A 176 20.29 22.21 -2.79
CA ILE A 176 21.59 22.55 -3.33
C ILE A 176 22.64 22.41 -2.24
N ALA A 177 23.06 21.18 -2.02
CA ALA A 177 24.14 20.87 -1.08
C ALA A 177 25.48 21.42 -1.55
N LYS A 178 26.39 21.59 -0.62
CA LYS A 178 27.66 22.20 -0.93
C LYS A 178 28.74 21.12 -1.05
N SER A 179 28.46 20.02 -1.75
CA SER A 179 29.46 18.94 -1.80
C SER A 179 30.74 19.48 -2.40
N SER A 180 31.83 19.44 -1.62
CA SER A 180 33.13 19.89 -2.14
C SER A 180 33.70 18.89 -3.14
N ALA A 181 32.96 17.81 -3.40
CA ALA A 181 33.45 16.71 -4.17
C ALA A 181 32.90 16.75 -5.58
N SER A 182 31.61 17.04 -5.73
CA SER A 182 31.01 17.14 -7.08
C SER A 182 31.70 18.21 -7.93
N SER A 183 31.83 17.94 -9.23
CA SER A 183 32.61 18.81 -10.11
C SER A 183 32.06 20.23 -10.11
N THR A 184 30.75 20.32 -9.95
CA THR A 184 30.08 21.59 -9.81
C THR A 184 30.26 22.21 -8.42
N GLY A 185 30.72 21.41 -7.45
CA GLY A 185 30.86 21.83 -6.05
C GLY A 185 29.54 21.80 -5.28
N TYR A 186 28.54 21.15 -5.88
CA TYR A 186 27.20 21.22 -5.37
C TYR A 186 26.42 19.97 -5.73
N GLN A 187 25.41 19.64 -4.93
CA GLN A 187 24.47 18.55 -5.26
C GLN A 187 23.02 19.03 -5.33
N VAL A 188 22.38 18.75 -6.45
CA VAL A 188 20.94 18.93 -6.54
C VAL A 188 20.32 17.66 -5.99
N TYR A 189 19.29 17.81 -5.15
CA TYR A 189 18.51 16.67 -4.67
C TYR A 189 17.12 17.14 -4.35
N LEU A 190 16.12 16.30 -4.59
CA LEU A 190 14.74 16.65 -4.31
C LEU A 190 14.27 15.84 -3.15
N THR A 191 14.01 16.50 -2.03
CA THR A 191 13.24 15.89 -0.92
C THR A 191 11.74 16.32 -0.90
N PHE A 192 10.90 15.47 -0.31
CA PHE A 192 9.49 15.82 -0.03
C PHE A 192 9.25 15.72 1.46
N ILE A 193 8.57 16.71 2.03
CA ILE A 193 8.44 16.77 3.47
C ILE A 193 7.00 16.90 3.83
N LEU A 194 6.67 16.42 5.02
CA LEU A 194 5.34 16.59 5.58
C LEU A 194 5.43 16.51 7.09
N THR A 195 5.13 17.62 7.75
CA THR A 195 5.40 17.78 9.17
C THR A 195 4.12 17.67 9.99
N GLN A 196 4.25 17.20 11.22
CA GLN A 196 3.09 17.04 12.10
C GLN A 196 3.55 16.87 13.52
N HIS A 197 2.69 17.17 14.47
CA HIS A 197 3.09 17.12 15.87
C HIS A 197 3.65 15.75 16.25
N VAL A 198 4.50 15.75 17.29
CA VAL A 198 5.12 14.53 17.79
C VAL A 198 4.12 13.60 18.42
N ARG A 199 2.98 14.13 18.83
CA ARG A 199 1.93 13.33 19.46
C ARG A 199 1.19 12.48 18.46
N ASP A 200 1.36 12.81 17.18
CA ASP A 200 0.74 12.05 16.12
C ASP A 200 1.69 11.02 15.58
N GLU A 201 2.55 10.47 16.44
CA GLU A 201 3.44 9.36 16.06
C GLU A 201 2.66 8.26 15.35
N ASN A 202 1.39 8.14 15.72
CA ASN A 202 0.46 7.16 15.17
C ASN A 202 0.35 7.27 13.66
N LEU A 203 0.20 8.50 13.23
CA LEU A 203 -0.03 8.86 11.87
C LEU A 203 1.28 8.85 11.07
N MET A 204 2.33 9.38 11.67
CA MET A 204 3.59 9.54 10.98
C MET A 204 4.16 8.19 10.58
N LYS A 205 4.27 7.31 11.57
CA LYS A 205 4.66 5.92 11.32
C LYS A 205 3.82 5.30 10.22
N CYS A 206 2.53 5.58 10.25
CA CYS A 206 1.62 5.04 9.25
C CYS A 206 1.89 5.61 7.84
N LEU A 207 2.33 6.86 7.76
CA LEU A 207 2.67 7.47 6.48
C LEU A 207 3.74 6.65 5.74
N VAL A 208 4.79 6.29 6.50
CA VAL A 208 5.88 5.42 6.03
C VAL A 208 5.36 4.12 5.41
N ASP A 209 4.60 3.34 6.18
CA ASP A 209 4.12 2.02 5.74
C ASP A 209 3.21 2.07 4.52
N TYR A 210 2.48 3.17 4.41
CA TYR A 210 1.61 3.40 3.28
C TYR A 210 2.37 3.28 1.96
N PHE A 211 3.59 3.79 1.94
CA PHE A 211 4.45 3.68 0.76
C PHE A 211 5.56 2.64 0.88
N ASN A 212 5.81 2.17 2.10
CA ASN A 212 6.88 1.20 2.36
C ASN A 212 8.27 1.84 2.18
N TRP A 213 8.30 3.17 2.14
CA TRP A 213 9.56 3.90 2.00
C TRP A 213 9.44 5.27 2.64
N GLY A 214 10.58 5.91 2.77
CA GLY A 214 10.61 7.22 3.39
C GLY A 214 11.10 7.20 4.82
N ARG A 215 11.56 8.36 5.24
CA ARG A 215 12.29 8.52 6.47
C ARG A 215 11.36 9.14 7.49
N LEU A 216 11.46 8.73 8.75
CA LEU A 216 10.75 9.45 9.81
C LEU A 216 11.81 10.14 10.67
N ALA A 217 11.58 11.41 10.99
CA ALA A 217 12.59 12.18 11.72
C ALA A 217 11.97 13.01 12.84
N ARG A 218 12.72 13.19 13.92
CA ARG A 218 12.27 13.95 15.09
C ARG A 218 12.94 15.28 15.10
N LYS A 219 12.19 16.31 15.47
CA LYS A 219 12.69 17.67 15.49
C LYS A 219 11.69 18.56 16.23
N ARG A 220 12.21 19.39 17.14
CA ARG A 220 11.40 20.42 17.83
C ARG A 220 10.03 19.96 18.27
N ASN A 221 9.92 18.72 18.72
CA ASN A 221 8.63 18.18 19.10
C ASN A 221 7.66 17.91 17.91
N VAL A 222 8.06 18.25 16.69
CA VAL A 222 7.34 17.88 15.47
C VAL A 222 8.13 16.77 14.79
N TYR A 223 7.46 15.92 14.04
CA TYR A 223 8.13 14.86 13.29
C TYR A 223 7.98 15.15 11.82
N GLU A 224 8.95 14.74 11.02
CA GLU A 224 8.87 14.93 9.59
C GLU A 224 8.93 13.60 8.88
N TYR A 225 7.99 13.37 7.98
CA TYR A 225 8.11 12.25 7.08
C TYR A 225 8.82 12.84 5.89
N GLN A 226 10.07 12.42 5.71
CA GLN A 226 10.89 12.82 4.55
C GLN A 226 10.91 11.66 3.54
N VAL A 227 10.92 11.98 2.25
CA VAL A 227 11.05 10.95 1.21
C VAL A 227 11.97 11.44 0.08
N LYS A 229 15.30 9.28 -1.68
CA LYS A 229 15.91 8.54 -2.79
C LYS A 229 15.13 8.80 -4.04
N PHE A 230 15.82 9.15 -5.12
CA PHE A 230 15.17 9.56 -6.38
C PHE A 230 14.07 8.59 -6.83
N SER A 231 14.45 7.31 -6.85
CA SER A 231 13.57 6.20 -7.20
C SER A 231 12.28 6.14 -6.39
N ASP A 232 12.36 6.52 -5.13
CA ASP A 232 11.16 6.71 -4.31
C ASP A 232 10.59 8.08 -4.63
N VAL A 233 11.43 9.10 -4.63
CA VAL A 233 10.96 10.47 -4.94
C VAL A 233 10.08 10.43 -6.19
N GLU A 234 10.37 9.48 -7.05
CA GLU A 234 9.67 9.33 -8.30
C GLU A 234 8.35 8.61 -8.13
N LYS A 235 8.33 7.60 -7.28
CA LYS A 235 7.08 6.91 -6.92
C LYS A 235 5.95 7.91 -6.55
N LEU A 236 6.10 8.62 -5.43
CA LEU A 236 5.10 9.62 -5.05
C LEU A 236 4.88 10.67 -6.15
N LEU A 237 5.92 10.97 -6.91
CA LEU A 237 5.73 11.84 -8.07
C LEU A 237 4.61 11.23 -8.94
N SER A 238 4.70 9.92 -9.18
CA SER A 238 3.64 9.16 -9.87
C SER A 238 2.30 9.27 -9.16
N PHE A 239 2.33 9.15 -7.83
CA PHE A 239 1.15 9.29 -6.97
C PHE A 239 0.35 10.54 -7.30
N PHE A 240 1.00 11.69 -7.25
CA PHE A 240 0.31 12.96 -7.50
C PHE A 240 0.05 13.20 -8.99
N ASP A 241 0.07 12.11 -9.75
CA ASP A 241 -0.59 12.02 -11.03
C ASP A 241 -1.93 11.32 -10.80
N LYS A 242 -1.91 10.25 -10.01
CA LYS A 242 -3.13 9.55 -9.63
C LYS A 242 -4.02 10.37 -8.67
N TYR A 243 -3.41 11.14 -7.78
CA TYR A 243 -4.17 11.98 -6.85
C TYR A 243 -3.44 13.26 -6.50
N PRO A 244 -3.64 14.32 -7.29
CA PRO A 244 -2.69 15.39 -7.16
C PRO A 244 -2.96 16.33 -5.99
N ILE A 245 -1.94 17.15 -5.70
CA ILE A 245 -2.03 18.21 -4.72
C ILE A 245 -3.00 19.20 -5.30
N LEU A 246 -3.50 20.08 -4.44
CA LEU A 246 -4.45 21.09 -4.82
C LEU A 246 -4.17 22.37 -4.02
N GLY A 247 -4.34 23.50 -4.70
CA GLY A 247 -4.07 24.83 -4.14
C GLY A 247 -2.97 25.51 -4.94
N GLU A 248 -2.55 26.68 -4.48
CA GLU A 248 -1.32 27.28 -4.98
C GLU A 248 -0.20 26.25 -4.91
N LYS A 249 -0.21 25.45 -3.85
CA LYS A 249 0.88 24.51 -3.55
C LYS A 249 1.23 23.54 -4.67
N ALA A 250 0.40 23.51 -5.70
CA ALA A 250 0.70 22.66 -6.83
C ALA A 250 1.48 23.37 -7.95
N LYS A 251 1.95 24.58 -7.71
CA LYS A 251 2.99 25.13 -8.59
C LYS A 251 4.29 24.53 -8.14
N ASP A 252 4.45 24.53 -6.83
CA ASP A 252 5.65 24.02 -6.19
C ASP A 252 5.88 22.58 -6.54
N LEU A 253 4.80 21.81 -6.56
CA LEU A 253 4.88 20.46 -7.05
C LEU A 253 5.41 20.48 -8.48
N GLN A 254 4.75 21.22 -9.38
CA GLN A 254 5.14 21.23 -10.81
C GLN A 254 6.61 21.65 -11.07
N ASP A 255 7.01 22.73 -10.43
CA ASP A 255 8.39 23.20 -10.51
C ASP A 255 9.34 22.15 -9.96
N PHE A 256 8.93 21.51 -8.87
CA PHE A 256 9.68 20.39 -8.27
C PHE A 256 9.70 19.29 -9.31
N CYS A 257 8.50 18.90 -9.74
CA CYS A 257 8.31 17.91 -10.78
C CYS A 257 9.22 18.19 -11.99
N SER A 258 9.27 19.46 -12.42
CA SER A 258 10.13 19.91 -13.54
C SER A 258 11.60 19.61 -13.27
N VAL A 259 12.08 19.97 -12.07
CA VAL A 259 13.45 19.65 -11.69
C VAL A 259 13.64 18.14 -11.84
N SER A 260 12.60 17.38 -11.51
CA SER A 260 12.69 15.93 -11.56
C SER A 260 12.94 15.40 -12.96
N ASP A 261 12.82 16.25 -13.97
CA ASP A 261 13.10 15.86 -15.35
C ASP A 261 14.46 16.33 -15.82
N LEU A 262 14.68 17.63 -15.63
CA LEU A 262 15.95 18.29 -15.95
C LEU A 262 17.02 17.95 -14.95
N MET A 263 16.72 17.06 -14.01
CA MET A 263 17.74 16.54 -13.12
C MET A 263 17.81 15.02 -13.20
N LYS A 264 17.08 14.46 -14.15
CA LYS A 264 16.89 13.00 -14.27
C LYS A 264 17.42 12.46 -15.59
N SER A 265 17.98 13.36 -16.38
CA SER A 265 18.67 13.02 -17.60
C SER A 265 20.12 13.56 -17.51
N LYS A 266 20.70 13.42 -16.30
CA LYS A 266 22.04 13.92 -15.94
C LYS A 266 22.26 15.38 -16.23
N THR A 267 21.23 16.17 -16.00
CA THR A 267 21.26 17.61 -16.29
C THR A 267 21.57 18.41 -15.03
N HIS A 268 21.41 17.76 -13.87
CA HIS A 268 21.69 18.36 -12.56
C HIS A 268 23.17 18.31 -12.21
N LEU A 269 23.98 17.69 -13.08
CA LEU A 269 25.43 17.58 -12.90
C LEU A 269 26.26 18.59 -13.71
N THR A 270 25.74 19.02 -14.85
CA THR A 270 26.35 20.13 -15.59
C THR A 270 26.06 21.42 -14.87
N GLU A 271 27.05 22.29 -14.70
CA GLU A 271 26.82 23.57 -14.02
C GLU A 271 26.03 24.60 -14.83
N GLU A 272 25.78 24.33 -16.10
CA GLU A 272 24.81 25.15 -16.82
C GLU A 272 23.41 24.80 -16.30
N GLY A 273 23.24 23.58 -15.76
CA GLY A 273 21.95 23.08 -15.33
C GLY A 273 21.62 23.48 -13.90
N VAL A 274 22.62 23.45 -13.04
CA VAL A 274 22.43 23.87 -11.65
C VAL A 274 21.99 25.33 -11.59
N ALA A 275 22.63 26.16 -12.39
CA ALA A 275 22.13 27.51 -12.63
C ALA A 275 20.62 27.47 -12.89
N LYS A 276 20.22 26.69 -13.91
CA LYS A 276 18.80 26.52 -14.28
C LYS A 276 17.91 26.07 -13.11
N ILE A 277 18.44 25.17 -12.29
CA ILE A 277 17.69 24.65 -11.13
C ILE A 277 17.47 25.71 -10.05
N ARG A 278 18.55 26.30 -9.56
CA ARG A 278 18.44 27.40 -8.62
C ARG A 278 17.40 28.42 -9.07
N LYS A 279 17.39 28.74 -10.35
CA LYS A 279 16.42 29.70 -10.89
C LYS A 279 15.00 29.20 -10.58
N ILE A 280 14.78 27.93 -10.84
CA ILE A 280 13.48 27.32 -10.58
C ILE A 280 13.21 27.29 -9.09
N LYS A 281 14.10 26.67 -8.35
CA LYS A 281 14.03 26.67 -6.90
C LYS A 281 13.79 28.06 -6.31
N GLU A 282 14.57 29.03 -6.75
CA GLU A 282 14.51 30.40 -6.20
C GLU A 282 13.07 30.89 -6.23
N GLY A 283 12.39 30.55 -7.32
CA GLY A 283 11.02 30.99 -7.56
C GLY A 283 10.00 29.95 -7.17
N MET A 284 10.22 29.31 -6.03
CA MET A 284 9.24 28.40 -5.51
C MET A 284 9.33 28.46 -4.02
N ASN A 285 8.20 28.13 -3.38
CA ASN A 285 7.99 28.31 -1.94
C ASN A 285 8.01 29.80 -1.58
N ARG A 286 9.19 30.32 -1.27
CA ARG A 286 9.36 31.72 -0.86
C ARG A 286 8.59 32.03 0.40
N ILE B 1 0.03 -9.39 -22.50
CA ILE B 1 -0.48 -9.48 -21.08
C ILE B 1 0.21 -8.52 -20.09
N ASN B 2 1.28 -8.95 -19.40
CA ASN B 2 1.92 -8.12 -18.38
C ASN B 2 3.23 -8.69 -17.87
N PRO B 3 4.27 -7.84 -17.72
CA PRO B 3 5.54 -8.34 -17.21
C PRO B 3 5.57 -8.60 -15.68
N TRP B 4 4.67 -7.98 -14.92
CA TRP B 4 4.66 -8.14 -13.46
C TRP B 4 3.80 -9.31 -13.03
N PHE B 5 2.63 -9.47 -13.66
CA PHE B 5 1.80 -10.68 -13.42
C PHE B 5 2.51 -11.93 -13.92
N LEU B 6 3.65 -11.73 -14.57
CA LEU B 6 4.50 -12.81 -15.03
C LEU B 6 5.61 -13.05 -14.03
N THR B 7 6.22 -11.99 -13.53
CA THR B 7 7.27 -12.11 -12.50
C THR B 7 6.58 -12.54 -11.24
N GLY B 8 5.39 -11.95 -11.00
CA GLY B 8 4.55 -12.31 -9.88
C GLY B 8 4.25 -13.79 -9.91
N PHE B 9 3.79 -14.28 -11.04
CA PHE B 9 3.45 -15.71 -11.19
C PHE B 9 4.64 -16.67 -11.09
N ILE B 10 5.81 -16.24 -11.50
CA ILE B 10 6.98 -17.11 -11.44
C ILE B 10 7.43 -17.23 -9.98
N ASP B 11 7.29 -16.16 -9.19
CA ASP B 11 7.59 -16.21 -7.74
C ASP B 11 6.70 -17.28 -7.13
N GLY B 12 5.50 -17.39 -7.70
CA GLY B 12 4.54 -18.39 -7.27
C GLY B 12 4.86 -19.81 -7.67
N GLU B 13 4.80 -20.11 -8.97
CA GLU B 13 4.82 -21.53 -9.44
C GLU B 13 6.08 -21.98 -10.19
N GLY B 14 6.77 -21.04 -10.82
CA GLY B 14 8.03 -21.31 -11.53
C GLY B 14 9.08 -21.94 -10.64
N CYS B 15 10.08 -22.56 -11.24
CA CYS B 15 11.07 -23.32 -10.49
C CYS B 15 12.35 -23.43 -11.31
N PHE B 16 13.42 -22.87 -10.76
CA PHE B 16 14.69 -22.77 -11.47
C PHE B 16 15.57 -23.88 -10.97
N ARG B 17 16.23 -24.59 -11.86
CA ARG B 17 17.18 -25.61 -11.41
C ARG B 17 18.36 -25.89 -12.33
N ILE B 18 19.40 -26.44 -11.70
CA ILE B 18 20.68 -26.73 -12.31
C ILE B 18 20.89 -28.22 -12.15
N SER B 19 21.01 -28.93 -13.27
CA SER B 19 21.17 -30.38 -13.29
C SER B 19 22.62 -30.73 -13.50
N VAL B 20 23.16 -31.58 -12.62
CA VAL B 20 24.53 -32.12 -12.76
C VAL B 20 24.56 -33.65 -12.82
N THR B 21 24.96 -34.17 -13.97
CA THR B 21 24.76 -35.57 -14.30
C THR B 21 25.82 -36.16 -15.23
N LYS B 22 26.28 -37.37 -14.88
CA LYS B 22 27.06 -38.29 -15.74
C LYS B 22 27.34 -37.84 -17.20
N ASP B 28 33.46 -36.67 -15.61
CA ASP B 28 32.37 -36.99 -16.53
C ASP B 28 30.99 -36.59 -15.96
N TRP B 29 30.74 -35.29 -15.97
CA TRP B 29 29.48 -34.70 -15.53
C TRP B 29 29.03 -33.67 -16.56
N ARG B 30 27.74 -33.68 -16.88
CA ARG B 30 27.11 -32.70 -17.80
C ARG B 30 26.32 -31.65 -17.05
N VAL B 31 26.53 -30.37 -17.37
CA VAL B 31 25.81 -29.27 -16.70
C VAL B 31 24.73 -28.65 -17.56
N GLN B 32 23.59 -28.45 -16.91
CA GLN B 32 22.34 -28.04 -17.57
C GLN B 32 21.52 -27.14 -16.66
N LEU B 33 21.03 -26.02 -17.21
CA LEU B 33 20.18 -25.10 -16.46
C LEU B 33 18.72 -25.16 -16.93
N PHE B 34 17.82 -25.35 -15.98
CA PHE B 34 16.42 -25.53 -16.30
C PHE B 34 15.58 -24.55 -15.51
N PHE B 35 14.73 -23.81 -16.23
CA PHE B 35 13.57 -23.15 -15.63
C PHE B 35 12.32 -23.67 -16.29
N GLN B 36 11.30 -23.87 -15.48
CA GLN B 36 10.11 -24.62 -15.88
C GLN B 36 8.98 -24.41 -14.90
N ILE B 37 7.76 -24.41 -15.43
CA ILE B 37 6.54 -24.30 -14.63
C ILE B 37 5.69 -25.57 -14.76
N ASN B 38 5.24 -26.10 -13.63
CA ASN B 38 4.49 -27.34 -13.64
C ASN B 38 3.04 -27.10 -13.18
N LEU B 39 2.15 -26.87 -14.15
CA LEU B 39 0.72 -26.64 -13.90
C LEU B 39 -0.12 -27.89 -14.19
N HIS B 40 -1.45 -27.74 -14.12
CA HIS B 40 -2.41 -28.81 -14.41
C HIS B 40 -2.98 -28.69 -15.83
N GLU B 41 -3.30 -29.83 -16.44
CA GLU B 41 -3.75 -29.87 -17.81
C GLU B 41 -4.70 -28.71 -18.18
N LYS B 42 -5.59 -28.35 -17.27
CA LYS B 42 -6.60 -27.34 -17.53
C LYS B 42 -5.99 -25.96 -17.73
N ASP B 43 -4.84 -25.75 -17.10
CA ASP B 43 -4.18 -24.45 -16.98
C ASP B 43 -3.06 -24.23 -18.02
N ARG B 44 -3.00 -25.11 -19.00
CA ARG B 44 -2.08 -24.96 -20.12
C ARG B 44 -2.14 -23.55 -20.72
N ALA B 45 -3.36 -23.03 -20.91
CA ALA B 45 -3.55 -21.77 -21.63
C ALA B 45 -2.74 -20.62 -21.03
N LEU B 46 -2.59 -20.65 -19.71
CA LEU B 46 -1.75 -19.68 -19.00
C LEU B 46 -0.27 -19.91 -19.27
N LEU B 47 0.12 -21.18 -19.35
CA LEU B 47 1.45 -21.52 -19.80
C LEU B 47 1.69 -21.00 -21.22
N GLU B 48 0.77 -21.34 -22.13
CA GLU B 48 0.86 -20.85 -23.50
C GLU B 48 0.91 -19.34 -23.55
N SER B 49 0.08 -18.67 -22.74
CA SER B 49 0.08 -17.19 -22.66
C SER B 49 1.48 -16.60 -22.38
N ILE B 50 2.17 -17.26 -21.46
CA ILE B 50 3.52 -16.91 -21.07
C ILE B 50 4.47 -17.34 -22.16
N LYS B 51 4.19 -18.50 -22.75
CA LYS B 51 5.02 -19.00 -23.84
C LYS B 51 5.06 -17.95 -24.93
N ASP B 52 3.88 -17.59 -25.41
CA ASP B 52 3.73 -16.52 -26.40
C ASP B 52 4.55 -15.31 -25.97
N TYR B 53 4.27 -14.80 -24.78
CA TYR B 53 4.92 -13.60 -24.27
C TYR B 53 6.43 -13.59 -24.61
N LEU B 54 7.12 -14.61 -24.11
CA LEU B 54 8.58 -14.70 -24.19
C LEU B 54 9.06 -15.37 -25.49
N LYS B 55 8.14 -16.09 -26.16
CA LYS B 55 8.44 -16.80 -27.41
C LYS B 55 9.70 -17.65 -27.28
N VAL B 56 9.93 -18.17 -26.09
CA VAL B 56 11.13 -18.94 -25.81
C VAL B 56 10.74 -19.97 -24.75
N GLY B 57 10.47 -21.20 -25.18
CA GLY B 57 10.17 -22.30 -24.29
C GLY B 57 9.09 -23.16 -24.87
N LYS B 58 9.26 -24.48 -24.76
CA LYS B 58 8.24 -25.44 -25.21
C LYS B 58 7.30 -25.78 -24.06
N ILE B 59 6.24 -26.52 -24.36
CA ILE B 59 5.36 -27.05 -23.32
C ILE B 59 5.07 -28.51 -23.62
N HIS B 60 5.09 -29.34 -22.58
CA HIS B 60 4.90 -30.78 -22.74
C HIS B 60 4.25 -31.41 -21.51
N ILE B 61 3.97 -32.71 -21.59
CA ILE B 61 3.32 -33.44 -20.50
C ILE B 61 4.36 -34.01 -19.56
N SER B 62 4.24 -33.64 -18.28
CA SER B 62 5.13 -34.11 -17.24
C SER B 62 4.38 -34.92 -16.21
N GLY B 63 3.16 -35.33 -16.55
CA GLY B 63 2.32 -36.12 -15.66
C GLY B 63 0.92 -36.40 -16.19
N LYS B 64 0.12 -37.08 -15.38
CA LYS B 64 -1.21 -37.53 -15.78
C LYS B 64 -1.91 -36.39 -16.47
N ASN B 65 -2.06 -35.29 -15.75
CA ASN B 65 -2.60 -34.06 -16.29
C ASN B 65 -1.73 -32.90 -15.83
N LEU B 66 -0.43 -32.98 -16.14
CA LEU B 66 0.52 -32.03 -15.61
C LEU B 66 1.41 -31.54 -16.71
N VAL B 67 0.91 -30.57 -17.45
CA VAL B 67 1.70 -29.99 -18.50
C VAL B 67 2.71 -29.03 -17.92
N GLN B 68 3.87 -28.97 -18.57
CA GLN B 68 5.02 -28.24 -18.06
C GLN B 68 5.61 -27.32 -19.11
N TYR B 69 5.73 -26.03 -18.80
CA TYR B 69 6.45 -25.08 -19.64
C TYR B 69 7.92 -25.21 -19.25
N ARG B 70 8.79 -25.49 -20.22
CA ARG B 70 10.21 -25.68 -19.90
C ARG B 70 11.12 -24.88 -20.84
N ILE B 71 12.06 -24.15 -20.24
CA ILE B 71 13.16 -23.54 -20.97
C ILE B 71 14.48 -24.20 -20.55
N GLN B 72 15.27 -24.60 -21.55
CA GLN B 72 16.56 -25.30 -21.34
C GLN B 72 17.69 -24.85 -22.28
N THR B 73 17.34 -24.35 -23.46
CA THR B 73 18.30 -23.77 -24.41
C THR B 73 18.98 -22.54 -23.83
N PHE B 74 20.30 -22.43 -24.00
CA PHE B 74 21.07 -21.31 -23.45
C PHE B 74 20.67 -19.97 -24.09
N ASP B 75 20.45 -19.99 -25.41
CA ASP B 75 19.93 -18.82 -26.13
C ASP B 75 18.49 -18.40 -25.68
N GLU B 76 17.71 -19.37 -25.21
CA GLU B 76 16.31 -19.15 -24.79
C GLU B 76 16.20 -18.74 -23.32
N LEU B 77 17.22 -19.03 -22.54
CA LEU B 77 17.18 -18.75 -21.13
C LEU B 77 17.69 -17.34 -20.82
N THR B 78 18.27 -16.68 -21.82
CA THR B 78 18.75 -15.29 -21.65
C THR B 78 17.56 -14.40 -21.70
N ILE B 79 16.66 -14.74 -22.60
CA ILE B 79 15.38 -14.07 -22.69
C ILE B 79 14.76 -13.94 -21.30
N LEU B 80 14.61 -15.08 -20.63
CA LEU B 80 14.10 -15.12 -19.26
C LEU B 80 14.94 -14.28 -18.29
N ILE B 81 16.26 -14.46 -18.34
CA ILE B 81 17.15 -13.84 -17.39
C ILE B 81 17.10 -12.33 -17.45
N LYS B 82 16.93 -11.79 -18.67
CA LYS B 82 16.78 -10.33 -18.86
C LYS B 82 15.46 -9.79 -18.24
N HIS B 83 14.36 -10.51 -18.47
CA HIS B 83 13.06 -10.13 -17.91
C HIS B 83 13.16 -10.02 -16.41
N LEU B 84 13.69 -11.05 -15.76
CA LEU B 84 13.80 -11.08 -14.30
C LEU B 84 14.73 -10.01 -13.73
N LYS B 85 15.67 -9.55 -14.53
CA LYS B 85 16.51 -8.47 -14.13
C LYS B 85 15.81 -7.11 -14.27
N GLU B 86 14.78 -7.02 -15.11
CA GLU B 86 13.95 -5.79 -15.25
C GLU B 86 12.73 -5.75 -14.32
N TYR B 87 12.22 -6.93 -13.97
CA TYR B 87 11.08 -7.06 -13.08
C TYR B 87 11.37 -8.16 -12.05
N PRO B 88 12.23 -7.88 -11.07
CA PRO B 88 12.83 -8.94 -10.30
C PRO B 88 11.89 -9.47 -9.25
N LEU B 89 12.27 -10.63 -8.72
CA LEU B 89 11.44 -11.40 -7.80
C LEU B 89 11.44 -10.80 -6.38
N VAL B 90 10.47 -11.23 -5.58
CA VAL B 90 10.35 -10.82 -4.19
C VAL B 90 10.61 -12.00 -3.24
N SER B 91 10.31 -13.21 -3.67
CA SER B 91 10.50 -14.38 -2.82
C SER B 91 11.94 -14.83 -2.73
N LYS B 92 12.20 -15.72 -1.79
CA LYS B 92 13.48 -16.41 -1.71
C LYS B 92 13.81 -17.11 -3.03
N LYS B 93 12.87 -17.12 -3.96
CA LYS B 93 13.20 -17.43 -5.34
C LYS B 93 14.24 -16.45 -5.87
N ARG B 94 14.21 -15.20 -5.39
CA ARG B 94 15.19 -14.18 -5.76
C ARG B 94 16.61 -14.70 -5.55
N ALA B 95 16.80 -15.41 -4.45
CA ALA B 95 18.06 -16.09 -4.18
C ALA B 95 18.32 -17.13 -5.25
N ASP B 96 17.40 -18.10 -5.34
CA ASP B 96 17.45 -19.18 -6.34
C ASP B 96 17.81 -18.63 -7.70
N PHE B 97 17.24 -17.47 -8.02
CA PHE B 97 17.53 -16.81 -9.26
C PHE B 97 18.97 -16.37 -9.42
N GLU B 98 19.49 -15.60 -8.47
CA GLU B 98 20.85 -15.10 -8.64
C GLU B 98 21.89 -16.24 -8.64
N LEU B 99 21.57 -17.36 -8.00
CA LEU B 99 22.38 -18.58 -8.14
C LEU B 99 22.38 -19.03 -9.59
N PHE B 100 21.21 -18.92 -10.22
CA PHE B 100 21.03 -19.29 -11.62
C PHE B 100 21.83 -18.37 -12.48
N ASN B 101 21.55 -17.07 -12.34
CA ASN B 101 22.15 -16.06 -13.18
C ASN B 101 23.64 -16.30 -13.26
N THR B 102 24.21 -16.64 -12.10
CA THR B 102 25.63 -16.93 -12.04
C THR B 102 25.98 -18.11 -12.94
N ALA B 103 25.45 -19.27 -12.61
CA ALA B 103 25.73 -20.49 -13.36
C ALA B 103 25.59 -20.27 -14.87
N HIS B 104 24.69 -19.40 -15.26
CA HIS B 104 24.47 -19.09 -16.67
C HIS B 104 25.68 -18.34 -17.24
N LYS B 105 26.25 -17.43 -16.44
CA LYS B 105 27.48 -16.72 -16.81
C LYS B 105 28.64 -17.70 -17.08
N LEU B 106 28.82 -18.66 -16.18
CA LEU B 106 29.80 -19.74 -16.35
C LEU B 106 29.63 -20.59 -17.62
N ILE B 107 28.40 -20.92 -17.96
CA ILE B 107 28.12 -21.62 -19.22
C ILE B 107 28.41 -20.73 -20.42
N LYS B 108 28.30 -19.40 -20.23
CA LYS B 108 28.63 -18.42 -21.28
C LYS B 108 30.14 -18.33 -21.52
N ASN B 109 30.90 -18.19 -20.44
CA ASN B 109 32.36 -18.34 -20.48
C ASN B 109 32.79 -19.80 -20.71
N ASN B 110 31.82 -20.70 -20.90
CA ASN B 110 32.09 -22.08 -21.29
C ASN B 110 32.87 -22.81 -20.19
N GLU B 111 32.76 -22.34 -18.95
CA GLU B 111 33.63 -22.79 -17.84
C GLU B 111 33.21 -24.13 -17.25
N HIS B 112 31.97 -24.51 -17.48
CA HIS B 112 31.43 -25.84 -17.12
C HIS B 112 32.12 -27.06 -17.79
N LEU B 113 33.04 -26.81 -18.72
CA LEU B 113 33.76 -27.88 -19.45
C LEU B 113 35.00 -28.42 -18.73
N ASN B 114 35.56 -27.65 -17.81
CA ASN B 114 36.65 -28.09 -16.91
C ASN B 114 36.12 -28.51 -15.54
N LYS B 115 36.92 -29.23 -14.74
CA LYS B 115 36.48 -29.65 -13.40
C LYS B 115 36.46 -28.47 -12.41
N GLU B 116 37.31 -27.47 -12.64
CA GLU B 116 37.36 -26.26 -11.81
C GLU B 116 35.99 -25.58 -11.78
N GLY B 117 35.35 -25.51 -12.94
CA GLY B 117 34.04 -24.88 -13.08
C GLY B 117 32.91 -25.75 -12.54
N ILE B 118 32.90 -27.01 -12.97
CA ILE B 118 31.94 -28.00 -12.46
C ILE B 118 31.89 -28.00 -10.93
N ASN B 119 33.06 -27.88 -10.30
CA ASN B 119 33.15 -27.75 -8.85
C ASN B 119 32.47 -26.46 -8.39
N LYS B 120 32.73 -25.36 -9.10
CA LYS B 120 32.14 -24.06 -8.76
C LYS B 120 30.63 -24.08 -8.93
N LEU B 121 30.17 -24.75 -9.99
CA LEU B 121 28.75 -24.88 -10.29
C LEU B 121 27.96 -25.63 -9.22
N VAL B 122 28.47 -26.76 -8.79
CA VAL B 122 27.80 -27.51 -7.75
C VAL B 122 27.67 -26.72 -6.46
N SER B 123 28.64 -25.87 -6.13
CA SER B 123 28.52 -24.97 -4.94
C SER B 123 27.21 -24.20 -5.04
N LEU B 124 26.88 -23.79 -6.26
CA LEU B 124 25.62 -23.14 -6.54
C LEU B 124 24.51 -24.18 -6.38
N LYS B 125 24.62 -25.30 -7.08
CA LYS B 125 23.64 -26.38 -6.91
C LYS B 125 23.40 -26.70 -5.43
N ALA B 126 24.46 -26.60 -4.63
CA ALA B 126 24.47 -27.05 -3.24
C ALA B 126 23.34 -26.45 -2.46
N SER B 127 23.19 -25.14 -2.63
CA SER B 127 22.08 -24.43 -1.99
C SER B 127 21.14 -23.87 -3.06
N LEU B 128 20.47 -24.78 -3.77
CA LEU B 128 19.48 -24.35 -4.75
C LEU B 128 18.08 -24.67 -4.24
N ASN B 129 17.71 -25.95 -4.26
CA ASN B 129 16.40 -26.34 -3.80
C ASN B 129 16.66 -27.42 -2.79
N LEU B 130 16.79 -28.65 -3.24
CA LEU B 130 17.05 -29.76 -2.33
C LEU B 130 18.53 -30.03 -2.12
N GLY B 131 19.39 -29.27 -2.78
CA GLY B 131 20.83 -29.50 -2.68
C GLY B 131 21.20 -30.69 -3.53
N LEU B 132 22.27 -31.37 -3.16
CA LEU B 132 22.77 -32.39 -4.02
C LEU B 132 22.01 -33.69 -3.80
N SER B 133 21.81 -34.46 -4.87
CA SER B 133 21.41 -35.86 -4.73
C SER B 133 22.47 -36.54 -3.88
N GLU B 134 22.09 -37.60 -3.16
CA GLU B 134 23.02 -38.33 -2.26
C GLU B 134 24.29 -38.81 -3.01
N SER B 135 24.10 -39.26 -4.24
CA SER B 135 25.21 -39.60 -5.13
C SER B 135 26.17 -38.42 -5.42
N LEU B 136 25.74 -37.19 -5.18
CA LEU B 136 26.49 -36.00 -5.61
C LEU B 136 27.14 -35.23 -4.49
N LYS B 137 26.76 -35.52 -3.24
CA LYS B 137 27.54 -35.10 -2.07
C LYS B 137 28.81 -35.96 -2.05
N LEU B 138 28.64 -37.20 -2.48
CA LEU B 138 29.70 -38.19 -2.51
C LEU B 138 30.72 -37.85 -3.59
N ALA B 139 30.27 -37.18 -4.63
CA ALA B 139 31.13 -36.84 -5.75
C ALA B 139 31.87 -35.53 -5.49
N PHE B 140 31.29 -34.66 -4.68
CA PHE B 140 31.87 -33.35 -4.40
C PHE B 140 31.82 -33.07 -2.89
N PRO B 141 32.45 -33.96 -2.08
CA PRO B 141 32.32 -34.03 -0.61
C PRO B 141 33.14 -33.01 0.16
N ASN B 142 33.85 -32.15 -0.57
CA ASN B 142 34.65 -31.08 0.01
C ASN B 142 34.25 -29.67 -0.48
N VAL B 143 33.00 -29.49 -0.91
CA VAL B 143 32.54 -28.26 -1.56
C VAL B 143 31.82 -27.26 -0.64
N ILE B 144 32.26 -26.00 -0.64
CA ILE B 144 31.59 -24.94 0.14
C ILE B 144 30.44 -24.37 -0.64
N SER B 145 29.24 -24.61 -0.13
CA SER B 145 28.02 -24.19 -0.80
C SER B 145 28.01 -22.69 -1.04
N ALA B 146 27.28 -22.26 -2.06
CA ALA B 146 27.30 -20.87 -2.50
C ALA B 146 26.66 -19.96 -1.48
N THR B 147 27.13 -18.72 -1.39
CA THR B 147 26.45 -17.68 -0.60
C THR B 147 25.04 -17.36 -1.18
N ARG B 148 24.00 -17.70 -0.42
CA ARG B 148 22.61 -17.60 -0.91
C ARG B 148 22.04 -16.23 -0.62
N LEU B 149 21.37 -15.64 -1.60
CA LEU B 149 20.98 -14.24 -1.48
C LEU B 149 19.81 -14.06 -0.51
N ASN B 155 9.23 -5.26 -0.44
CA ASN B 155 8.65 -4.56 -1.61
C ASN B 155 7.74 -5.50 -2.42
N ILE B 156 7.11 -4.98 -3.47
CA ILE B 156 6.26 -5.79 -4.31
C ILE B 156 6.61 -5.68 -5.81
N PRO B 157 6.50 -4.49 -6.43
CA PRO B 157 5.69 -3.37 -6.10
C PRO B 157 4.43 -3.43 -6.91
N ASP B 158 4.54 -3.59 -8.24
CA ASP B 158 3.36 -3.38 -9.11
C ASP B 158 2.19 -4.20 -8.60
N PRO B 159 0.98 -3.63 -8.60
CA PRO B 159 -0.16 -4.41 -8.20
C PRO B 159 -0.24 -5.77 -8.88
N HIS B 160 0.00 -5.77 -10.19
CA HIS B 160 0.01 -7.00 -10.98
C HIS B 160 0.77 -8.15 -10.35
N TRP B 161 1.84 -7.86 -9.62
CA TRP B 161 2.59 -8.90 -8.96
C TRP B 161 1.71 -9.84 -8.11
N LEU B 162 0.90 -9.25 -7.22
CA LEU B 162 0.02 -10.03 -6.33
C LEU B 162 -0.97 -10.82 -7.17
N SER B 163 -1.55 -10.13 -8.15
CA SER B 163 -2.51 -10.68 -9.09
C SER B 163 -1.96 -11.98 -9.67
N GLY B 164 -0.75 -11.90 -10.22
CA GLY B 164 -0.05 -13.07 -10.68
C GLY B 164 0.39 -14.01 -9.56
N PHE B 165 0.85 -13.48 -8.44
CA PHE B 165 1.18 -14.35 -7.31
C PHE B 165 -0.06 -15.09 -6.77
N ALA B 166 -1.23 -14.48 -6.86
CA ALA B 166 -2.42 -15.07 -6.28
C ALA B 166 -3.08 -16.01 -7.27
N SER B 167 -2.86 -15.75 -8.56
CA SER B 167 -3.26 -16.71 -9.61
C SER B 167 -2.55 -18.04 -9.45
N ALA B 168 -1.43 -18.02 -8.71
CA ALA B 168 -0.58 -19.19 -8.46
C ALA B 168 -0.94 -19.87 -7.17
N GLU B 169 -0.88 -19.11 -6.10
CA GLU B 169 -0.88 -19.69 -4.80
C GLU B 169 -2.11 -19.27 -4.00
N GLY B 170 -2.99 -18.51 -4.61
CA GLY B 170 -4.21 -18.11 -3.93
C GLY B 170 -5.20 -19.24 -3.74
N CYS B 171 -6.32 -18.91 -3.10
CA CYS B 171 -7.46 -19.84 -2.93
C CYS B 171 -8.68 -19.09 -2.47
N PHE B 172 -9.73 -19.09 -3.28
CA PHE B 172 -10.90 -18.29 -2.97
C PHE B 172 -11.96 -19.27 -2.61
N MET B 173 -12.34 -19.31 -1.35
CA MET B 173 -13.30 -20.32 -0.92
C MET B 173 -14.39 -19.77 0.00
N VAL B 174 -15.53 -20.45 -0.01
CA VAL B 174 -16.73 -20.10 0.77
C VAL B 174 -16.86 -20.99 1.99
N GLY B 175 -17.13 -20.41 3.14
CA GLY B 175 -17.13 -21.20 4.36
C GLY B 175 -18.52 -21.31 4.93
N ILE B 176 -19.07 -22.53 4.90
CA ILE B 176 -20.37 -22.81 5.51
C ILE B 176 -20.15 -23.63 6.78
N ALA B 177 -19.57 -22.98 7.78
CA ALA B 177 -19.38 -23.59 9.09
C ALA B 177 -20.70 -24.05 9.67
N LYS B 178 -20.60 -24.87 10.70
CA LYS B 178 -21.75 -25.40 11.39
C LYS B 178 -21.82 -24.66 12.72
N SER B 179 -22.73 -23.70 12.77
CA SER B 179 -22.98 -22.90 13.99
C SER B 179 -24.20 -23.42 14.75
N SER B 180 -24.38 -22.90 15.97
CA SER B 180 -25.53 -23.24 16.79
C SER B 180 -26.47 -22.04 16.90
N ALA B 181 -25.91 -20.93 17.39
CA ALA B 181 -26.62 -19.67 17.58
C ALA B 181 -27.08 -19.02 16.28
N SER B 182 -26.76 -19.63 15.14
CA SER B 182 -27.23 -19.13 13.86
C SER B 182 -28.64 -19.70 13.59
N SER B 183 -29.64 -18.81 13.71
CA SER B 183 -31.06 -19.10 13.40
C SER B 183 -31.28 -19.81 12.05
N THR B 184 -30.63 -19.29 11.01
CA THR B 184 -30.59 -19.91 9.68
C THR B 184 -30.09 -21.35 9.77
N GLY B 185 -29.18 -21.60 10.70
CA GLY B 185 -28.71 -22.94 11.01
C GLY B 185 -27.20 -23.07 10.92
N TYR B 186 -26.59 -22.22 10.11
CA TYR B 186 -25.16 -22.29 9.84
C TYR B 186 -24.60 -20.91 9.50
N GLN B 187 -23.26 -20.86 9.46
CA GLN B 187 -22.51 -19.63 9.23
C GLN B 187 -21.88 -19.56 7.83
N VAL B 188 -22.19 -18.52 7.06
CA VAL B 188 -21.58 -18.30 5.76
C VAL B 188 -20.61 -17.14 5.85
N TYR B 189 -19.35 -17.41 5.48
CA TYR B 189 -18.30 -16.36 5.32
C TYR B 189 -17.56 -16.59 4.02
N LEU B 190 -16.82 -15.58 3.59
CA LEU B 190 -15.92 -15.73 2.47
C LEU B 190 -14.50 -15.63 3.00
N THR B 191 -13.66 -16.62 2.68
CA THR B 191 -12.21 -16.56 2.97
C THR B 191 -11.37 -16.46 1.73
N PHE B 192 -10.31 -15.66 1.83
CA PHE B 192 -9.26 -15.62 0.81
C PHE B 192 -7.92 -15.98 1.42
N ILE B 193 -7.26 -16.94 0.77
CA ILE B 193 -6.03 -17.52 1.24
C ILE B 193 -5.05 -17.60 0.10
N LEU B 194 -3.82 -17.16 0.33
CA LEU B 194 -2.69 -17.63 -0.46
C LEU B 194 -1.62 -18.12 0.51
N THR B 195 -0.96 -19.23 0.18
CA THR B 195 -0.10 -19.91 1.13
C THR B 195 1.33 -20.02 0.57
N GLN B 196 2.28 -20.17 1.49
CA GLN B 196 3.69 -20.11 1.15
C GLN B 196 4.55 -20.58 2.34
N HIS B 197 5.61 -21.31 2.05
CA HIS B 197 6.52 -21.86 3.08
C HIS B 197 6.94 -20.86 4.15
N VAL B 198 7.23 -21.37 5.35
CA VAL B 198 7.75 -20.52 6.43
C VAL B 198 9.02 -19.74 6.11
N ARG B 199 10.02 -20.41 5.49
CA ARG B 199 11.26 -19.76 5.01
C ARG B 199 11.05 -18.37 4.42
N ASP B 200 10.06 -18.25 3.54
CA ASP B 200 9.79 -16.98 2.90
C ASP B 200 8.77 -16.18 3.70
N GLU B 201 9.04 -16.06 4.99
CA GLU B 201 8.23 -15.29 5.91
C GLU B 201 8.42 -13.82 5.64
N ASN B 202 9.63 -13.48 5.22
CA ASN B 202 9.94 -12.14 4.79
C ASN B 202 8.76 -11.53 4.03
N LEU B 203 8.24 -12.29 3.08
CA LEU B 203 7.16 -11.81 2.22
C LEU B 203 5.81 -11.86 2.90
N MET B 204 5.46 -12.99 3.51
CA MET B 204 4.12 -13.15 4.07
C MET B 204 3.71 -11.94 4.93
N LYS B 205 4.68 -11.39 5.65
CA LYS B 205 4.47 -10.14 6.39
C LYS B 205 4.28 -8.92 5.47
N CYS B 206 4.79 -8.98 4.25
CA CYS B 206 4.61 -7.91 3.26
C CYS B 206 3.20 -7.82 2.75
N LEU B 207 2.57 -8.97 2.58
CA LEU B 207 1.23 -9.00 1.98
C LEU B 207 0.26 -8.33 2.92
N VAL B 208 0.52 -8.50 4.21
CA VAL B 208 -0.27 -7.86 5.22
C VAL B 208 -0.12 -6.34 5.10
N ASP B 209 1.06 -5.82 5.43
CA ASP B 209 1.27 -4.35 5.47
C ASP B 209 1.15 -3.67 4.11
N TYR B 210 1.10 -4.46 3.02
CA TYR B 210 0.79 -3.93 1.67
C TYR B 210 -0.65 -3.44 1.51
N PHE B 211 -1.61 -3.91 2.30
CA PHE B 211 -3.03 -3.58 2.00
C PHE B 211 -3.96 -2.75 2.90
N ASN B 212 -3.85 -2.81 4.21
CA ASN B 212 -2.95 -3.66 4.92
C ASN B 212 -3.72 -4.27 6.08
N TRP B 213 -4.85 -4.88 5.72
CA TRP B 213 -5.44 -6.05 6.38
C TRP B 213 -4.52 -7.26 6.04
N GLY B 214 -4.85 -8.50 6.38
CA GLY B 214 -5.84 -8.92 7.35
C GLY B 214 -5.11 -9.79 8.36
N ARG B 215 -5.03 -11.10 8.12
CA ARG B 215 -4.33 -12.02 9.03
C ARG B 215 -3.18 -12.77 8.38
N LEU B 216 -2.16 -13.14 9.13
CA LEU B 216 -1.13 -14.06 8.65
C LEU B 216 -0.95 -15.02 9.78
N ALA B 217 -1.16 -16.31 9.55
CA ALA B 217 -0.87 -17.28 10.59
C ALA B 217 -0.31 -18.60 10.06
N ARG B 218 0.45 -19.25 10.93
CA ARG B 218 1.17 -20.47 10.61
C ARG B 218 0.27 -21.68 10.73
N LYS B 219 0.50 -22.65 9.86
CA LYS B 219 -0.19 -23.94 9.90
C LYS B 219 0.62 -25.05 9.19
N ARG B 220 1.29 -25.89 9.98
CA ARG B 220 1.97 -27.11 9.51
C ARG B 220 3.25 -26.81 8.70
N ASN B 221 4.10 -25.94 9.21
CA ASN B 221 5.33 -25.53 8.49
C ASN B 221 5.03 -24.72 7.20
N VAL B 222 3.80 -24.18 7.14
CA VAL B 222 3.33 -23.35 6.03
C VAL B 222 2.52 -22.20 6.60
N TYR B 223 2.72 -21.02 6.03
CA TYR B 223 1.97 -19.84 6.40
C TYR B 223 0.72 -19.65 5.54
N GLU B 224 -0.25 -18.93 6.06
CA GLU B 224 -1.38 -18.46 5.27
C GLU B 224 -1.65 -16.99 5.49
N TYR B 225 -1.63 -16.22 4.42
CA TYR B 225 -2.21 -14.89 4.43
C TYR B 225 -3.69 -15.11 4.29
N GLN B 226 -4.46 -14.84 5.33
CA GLN B 226 -5.89 -15.13 5.33
C GLN B 226 -6.71 -13.87 5.42
N VAL B 227 -7.81 -13.82 4.67
CA VAL B 227 -8.80 -12.73 4.81
C VAL B 227 -10.25 -13.30 4.89
N SER B 228 -10.92 -13.08 6.03
CA SER B 228 -12.34 -13.45 6.21
C SER B 228 -13.22 -12.24 6.43
N LYS B 229 -12.69 -11.24 7.17
CA LYS B 229 -13.34 -9.95 7.34
C LYS B 229 -13.94 -9.43 6.04
N PHE B 230 -15.14 -8.87 6.12
CA PHE B 230 -15.91 -8.57 4.92
C PHE B 230 -15.57 -7.21 4.28
N SER B 231 -15.52 -6.17 5.12
CA SER B 231 -15.02 -4.86 4.75
C SER B 231 -13.71 -4.97 3.95
N ASP B 232 -12.89 -5.92 4.35
CA ASP B 232 -11.63 -6.14 3.70
C ASP B 232 -11.82 -7.14 2.54
N VAL B 233 -12.48 -8.26 2.80
CA VAL B 233 -12.75 -9.26 1.74
C VAL B 233 -13.33 -8.55 0.52
N GLU B 234 -14.11 -7.53 0.78
CA GLU B 234 -14.78 -6.81 -0.28
C GLU B 234 -13.85 -5.86 -1.05
N LYS B 235 -13.19 -4.96 -0.31
CA LYS B 235 -12.21 -4.01 -0.88
C LYS B 235 -11.10 -4.76 -1.62
N LEU B 236 -10.62 -5.83 -0.99
CA LEU B 236 -9.72 -6.76 -1.64
C LEU B 236 -10.24 -7.14 -3.02
N LEU B 237 -11.46 -7.67 -3.09
CA LEU B 237 -12.04 -8.06 -4.38
C LEU B 237 -12.06 -6.94 -5.40
N SER B 238 -12.16 -5.72 -4.89
CA SER B 238 -12.01 -4.54 -5.72
C SER B 238 -10.70 -4.57 -6.48
N PHE B 239 -9.67 -5.12 -5.83
CA PHE B 239 -8.35 -5.27 -6.40
C PHE B 239 -8.35 -6.24 -7.58
N PHE B 240 -9.09 -7.33 -7.49
CA PHE B 240 -9.15 -8.34 -8.58
C PHE B 240 -10.04 -7.96 -9.80
N ASP B 241 -10.49 -6.72 -9.80
CA ASP B 241 -11.32 -6.18 -10.88
C ASP B 241 -10.49 -5.23 -11.71
N LYS B 242 -9.59 -4.51 -11.06
CA LYS B 242 -8.59 -3.73 -11.77
C LYS B 242 -7.52 -4.68 -12.28
N TYR B 243 -7.13 -5.62 -11.41
CA TYR B 243 -6.07 -6.59 -11.67
C TYR B 243 -6.58 -8.01 -11.68
N PRO B 244 -6.93 -8.53 -12.87
CA PRO B 244 -7.71 -9.75 -12.84
C PRO B 244 -6.88 -10.98 -12.55
N ILE B 245 -7.53 -11.99 -12.00
CA ILE B 245 -6.90 -13.29 -11.83
C ILE B 245 -6.94 -14.00 -13.17
N LEU B 246 -5.93 -14.85 -13.39
CA LEU B 246 -5.80 -15.59 -14.62
C LEU B 246 -5.78 -17.09 -14.39
N GLY B 247 -6.18 -17.82 -15.44
CA GLY B 247 -6.35 -19.27 -15.37
C GLY B 247 -7.77 -19.63 -14.96
N GLU B 248 -7.93 -20.86 -14.52
CA GLU B 248 -9.24 -21.35 -14.10
C GLU B 248 -9.60 -20.78 -12.74
N LYS B 249 -8.61 -20.20 -12.05
CA LYS B 249 -8.83 -19.62 -10.73
C LYS B 249 -9.77 -18.44 -10.84
N ALA B 250 -9.80 -17.87 -12.05
CA ALA B 250 -10.78 -16.85 -12.41
C ALA B 250 -12.18 -17.33 -12.09
N LYS B 251 -12.54 -18.49 -12.62
CA LYS B 251 -13.83 -19.15 -12.35
C LYS B 251 -14.20 -19.18 -10.87
N ASP B 252 -13.25 -19.58 -10.03
CA ASP B 252 -13.48 -19.64 -8.60
C ASP B 252 -13.62 -18.24 -8.03
N LEU B 253 -12.82 -17.31 -8.51
CA LEU B 253 -12.97 -15.94 -8.09
C LEU B 253 -14.39 -15.41 -8.40
N GLN B 254 -14.92 -15.76 -9.57
CA GLN B 254 -16.24 -15.28 -10.00
C GLN B 254 -17.33 -15.81 -9.09
N ASP B 255 -17.30 -17.10 -8.80
CA ASP B 255 -18.21 -17.73 -7.83
C ASP B 255 -18.15 -17.07 -6.47
N PHE B 256 -16.91 -16.86 -6.01
CA PHE B 256 -16.61 -16.12 -4.76
C PHE B 256 -17.23 -14.72 -4.79
N CYS B 257 -17.01 -14.05 -5.91
CA CYS B 257 -17.51 -12.71 -6.15
C CYS B 257 -19.05 -12.71 -6.28
N SER B 258 -19.62 -13.89 -6.52
CA SER B 258 -21.06 -14.07 -6.61
C SER B 258 -21.69 -14.28 -5.24
N VAL B 259 -21.01 -15.03 -4.37
CA VAL B 259 -21.50 -15.16 -3.01
C VAL B 259 -21.43 -13.79 -2.38
N SER B 260 -20.22 -13.22 -2.36
CA SER B 260 -20.01 -11.90 -1.79
C SER B 260 -21.22 -11.05 -2.07
N ASP B 261 -21.54 -10.93 -3.36
CA ASP B 261 -22.70 -10.16 -3.78
C ASP B 261 -23.93 -10.60 -3.01
N LEU B 262 -24.29 -11.87 -3.15
CA LEU B 262 -25.47 -12.41 -2.47
C LEU B 262 -25.40 -12.23 -0.95
N MET B 263 -24.19 -12.22 -0.40
CA MET B 263 -23.98 -11.95 1.02
C MET B 263 -24.51 -10.60 1.43
N LYS B 264 -24.18 -9.59 0.64
CA LYS B 264 -24.54 -8.20 0.96
C LYS B 264 -26.04 -8.00 0.95
N SER B 265 -26.74 -8.73 0.08
CA SER B 265 -28.21 -8.77 0.08
C SER B 265 -28.79 -9.50 1.31
N LYS B 266 -27.92 -9.92 2.23
CA LYS B 266 -28.26 -10.60 3.51
C LYS B 266 -28.93 -11.96 3.32
N THR B 267 -28.80 -12.52 2.13
CA THR B 267 -29.50 -13.77 1.78
C THR B 267 -28.79 -14.97 2.46
N HIS B 268 -27.60 -14.72 2.99
CA HIS B 268 -26.83 -15.72 3.72
C HIS B 268 -27.36 -16.00 5.12
N LEU B 269 -28.34 -15.22 5.57
CA LEU B 269 -28.87 -15.36 6.94
C LEU B 269 -30.15 -16.21 7.07
N THR B 270 -30.51 -16.93 6.01
CA THR B 270 -31.80 -17.60 5.91
C THR B 270 -31.67 -18.92 5.14
N GLU B 271 -32.39 -19.94 5.59
CA GLU B 271 -32.33 -21.31 5.01
C GLU B 271 -32.74 -21.34 3.54
N GLU B 272 -33.67 -20.47 3.16
CA GLU B 272 -33.96 -20.29 1.74
C GLU B 272 -32.69 -19.87 1.00
N GLY B 273 -31.77 -19.19 1.71
CA GLY B 273 -30.61 -18.52 1.10
C GLY B 273 -29.21 -19.06 1.35
N VAL B 274 -29.10 -20.21 2.04
CA VAL B 274 -27.81 -20.91 2.16
C VAL B 274 -27.72 -22.04 1.14
N ALA B 275 -28.77 -22.82 1.00
CA ALA B 275 -28.83 -23.83 -0.06
C ALA B 275 -28.53 -23.27 -1.48
N LYS B 276 -28.88 -22.01 -1.71
CA LYS B 276 -28.51 -21.30 -2.94
C LYS B 276 -27.01 -21.11 -3.05
N ILE B 277 -26.38 -20.82 -1.91
CA ILE B 277 -24.93 -20.66 -1.83
C ILE B 277 -24.22 -22.02 -1.92
N ARG B 278 -24.60 -22.95 -1.06
CA ARG B 278 -23.89 -24.23 -1.02
C ARG B 278 -23.87 -24.79 -2.44
N LYS B 279 -24.96 -24.62 -3.18
CA LYS B 279 -25.02 -25.03 -4.58
C LYS B 279 -23.78 -24.52 -5.33
N ILE B 280 -23.60 -23.20 -5.28
CA ILE B 280 -22.43 -22.53 -5.87
C ILE B 280 -21.16 -23.20 -5.36
N LYS B 281 -21.01 -23.21 -4.04
CA LYS B 281 -19.81 -23.70 -3.40
C LYS B 281 -19.44 -25.14 -3.80
N GLU B 282 -20.45 -25.98 -3.97
CA GLU B 282 -20.19 -27.36 -4.31
C GLU B 282 -19.39 -27.41 -5.62
N GLY B 283 -19.83 -26.65 -6.62
CA GLY B 283 -19.22 -26.68 -7.94
C GLY B 283 -18.16 -25.61 -8.16
N MET B 284 -17.24 -25.48 -7.23
CA MET B 284 -16.12 -24.54 -7.40
C MET B 284 -14.87 -25.14 -6.81
N ASN B 285 -13.71 -24.77 -7.37
CA ASN B 285 -12.40 -25.25 -6.93
C ASN B 285 -12.43 -26.69 -6.42
N ARG B 286 -12.14 -27.63 -7.30
CA ARG B 286 -12.20 -29.05 -6.91
C ARG B 286 -13.65 -29.50 -6.82
N GLY B 287 -14.48 -28.98 -7.74
CA GLY B 287 -15.90 -29.32 -7.79
C GLY B 287 -16.58 -28.82 -9.05
CA CA G . -2.36 20.42 11.21
CA CA H . -0.76 24.53 4.42
CA CA I . 5.27 -1.27 5.14
CA CA J . 5.64 -22.00 -4.78
CA CA K . -1.71 -23.08 -8.34
#